data_3CB8
#
_entry.id   3CB8
#
_cell.length_a   74.494
_cell.length_b   74.494
_cell.length_c   187.737
_cell.angle_alpha   90.000
_cell.angle_beta   90.000
_cell.angle_gamma   120.000
#
_symmetry.space_group_name_H-M   'P 61 2 2'
#
loop_
_entity.id
_entity.type
_entity.pdbx_description
1 polymer 'Pyruvate formate-lyase 1-activating enzyme'
2 polymer 'peptide substrate VSGYAV'
3 non-polymer 'SODIUM ION'
4 non-polymer S-ADENOSYLMETHIONINE
5 non-polymer 'IRON/SULFUR CLUSTER'
6 non-polymer 'FORMIC ACID'
7 water water
#
loop_
_entity_poly.entity_id
_entity_poly.type
_entity_poly.pdbx_seq_one_letter_code
_entity_poly.pdbx_strand_id
1 'polypeptide(L)'
;SVIGRIHSFESCGTVDGPGIRFITFFQGCLMRCLYCHNRDTWDTHGGKEVTVEDLMKEVVTYRHFMNASGGGVTASGGEA
ILQAEFVRDWFRACKKEGIHTCLDTNGFVRRYDPVIDELLEVTDLVMLDLKQMNDEIHQNLVGVSNHRTLEFAKYLANKN
VKVWIRYVVVPGWSDDDDSAHRLGEFTRDMGNVEKIELLPYHELGKHKWVAMGEEYKLDGVKPPKKETMERVKGILEQYG
HKVMF
;
A
2 'polypeptide(L)' VSGYAV B
#
# COMPACT_ATOMS: atom_id res chain seq x y z
N VAL A 2 12.81 -18.09 -9.28
CA VAL A 2 12.97 -16.85 -8.46
C VAL A 2 12.46 -17.06 -7.05
N ILE A 3 13.24 -16.61 -6.09
CA ILE A 3 12.90 -16.78 -4.70
C ILE A 3 12.19 -15.56 -4.11
N GLY A 4 11.23 -15.83 -3.22
CA GLY A 4 10.49 -14.75 -2.60
C GLY A 4 10.78 -14.70 -1.12
N ARG A 5 11.14 -13.52 -0.63
CA ARG A 5 11.43 -13.36 0.78
C ARG A 5 10.27 -12.63 1.41
N ILE A 6 9.50 -13.33 2.23
CA ILE A 6 8.34 -12.68 2.81
C ILE A 6 8.33 -12.66 4.32
N HIS A 7 7.59 -11.70 4.85
CA HIS A 7 7.44 -11.54 6.29
C HIS A 7 6.38 -12.51 6.77
N SER A 8 5.20 -12.44 6.16
CA SER A 8 4.11 -13.31 6.53
C SER A 8 2.96 -13.15 5.54
N PHE A 9 1.83 -13.78 5.84
CA PHE A 9 0.67 -13.68 4.98
C PHE A 9 -0.60 -14.00 5.75
N GLU A 10 -1.66 -13.28 5.39
CA GLU A 10 -2.97 -13.47 5.99
C GLU A 10 -3.80 -14.20 4.94
N SER A 11 -4.19 -15.43 5.26
CA SER A 11 -4.97 -16.24 4.33
C SER A 11 -6.22 -15.50 3.82
N CYS A 12 -6.73 -14.55 4.58
CA CYS A 12 -7.89 -13.81 4.13
C CYS A 12 -8.32 -12.59 4.94
N GLY A 13 -7.68 -11.45 4.65
CA GLY A 13 -7.98 -10.21 5.33
C GLY A 13 -9.16 -9.52 4.68
N THR A 14 -9.76 -8.58 5.40
CA THR A 14 -10.94 -7.87 4.92
C THR A 14 -10.70 -6.38 4.68
N VAL A 15 -9.52 -5.90 5.05
CA VAL A 15 -9.23 -4.49 4.90
C VAL A 15 -7.96 -4.24 4.10
N ASP A 16 -7.75 -5.05 3.08
CA ASP A 16 -6.55 -4.90 2.27
C ASP A 16 -6.91 -4.94 0.81
N GLY A 17 -8.01 -4.23 0.51
CA GLY A 17 -8.50 -4.17 -0.86
C GLY A 17 -9.86 -4.84 -0.99
N PRO A 18 -10.40 -4.87 -2.21
CA PRO A 18 -11.70 -5.47 -2.54
C PRO A 18 -11.97 -6.83 -1.90
N GLY A 19 -13.13 -6.94 -1.27
CA GLY A 19 -13.54 -8.17 -0.63
C GLY A 19 -12.54 -8.73 0.37
N ILE A 20 -12.54 -10.06 0.48
CA ILE A 20 -11.64 -10.78 1.36
C ILE A 20 -10.49 -11.21 0.47
N ARG A 21 -9.27 -10.92 0.90
CA ARG A 21 -8.12 -11.26 0.07
C ARG A 21 -7.02 -11.99 0.81
N PHE A 22 -6.24 -12.75 0.05
CA PHE A 22 -5.11 -13.50 0.60
C PHE A 22 -3.97 -12.50 0.48
N ILE A 23 -3.48 -12.02 1.63
CA ILE A 23 -2.42 -11.03 1.62
C ILE A 23 -1.07 -11.61 1.99
N THR A 24 -0.08 -11.35 1.16
CA THR A 24 1.26 -11.80 1.50
C THR A 24 2.09 -10.55 1.77
N PHE A 25 2.69 -10.50 2.94
CA PHE A 25 3.50 -9.36 3.33
C PHE A 25 4.94 -9.65 3.06
N PHE A 26 5.47 -9.05 1.99
CA PHE A 26 6.86 -9.24 1.63
C PHE A 26 7.84 -8.52 2.58
N GLN A 27 9.03 -9.10 2.72
CA GLN A 27 10.06 -8.54 3.59
C GLN A 27 10.89 -7.44 2.94
N GLY A 28 11.17 -6.41 3.73
CA GLY A 28 11.97 -5.30 3.23
C GLY A 28 11.22 -4.08 2.75
N CYS A 29 11.77 -2.92 3.10
CA CYS A 29 11.20 -1.65 2.70
C CYS A 29 12.27 -0.58 2.75
N LEU A 30 12.31 0.29 1.74
CA LEU A 30 13.31 1.33 1.75
C LEU A 30 12.81 2.58 2.51
N MET A 31 11.50 2.75 2.64
CA MET A 31 11.01 3.91 3.35
C MET A 31 11.09 3.72 4.86
N ARG A 32 10.83 4.79 5.60
CA ARG A 32 10.87 4.78 7.05
C ARG A 32 9.75 5.62 7.64
N CYS A 33 8.53 5.41 7.16
CA CYS A 33 7.38 6.14 7.68
C CYS A 33 7.43 6.08 9.19
N LEU A 34 7.11 7.18 9.85
CA LEU A 34 7.14 7.21 11.30
C LEU A 34 6.01 6.41 11.93
N TYR A 35 4.92 6.20 11.20
CA TYR A 35 3.76 5.49 11.73
C TYR A 35 3.69 4.01 11.39
N CYS A 36 4.63 3.56 10.57
CA CYS A 36 4.71 2.17 10.14
C CYS A 36 4.36 1.15 11.20
N HIS A 37 3.31 0.37 10.97
CA HIS A 37 2.95 -0.63 11.97
C HIS A 37 3.65 -1.97 11.73
N ASN A 38 4.43 -2.06 10.66
CA ASN A 38 5.18 -3.28 10.38
C ASN A 38 6.64 -2.91 10.38
N ARG A 39 7.13 -2.32 11.46
CA ARG A 39 8.52 -1.93 11.45
C ARG A 39 9.44 -3.12 11.24
N ASP A 40 9.02 -4.29 11.71
CA ASP A 40 9.81 -5.50 11.57
C ASP A 40 9.77 -5.98 10.13
N THR A 41 9.27 -5.12 9.25
CA THR A 41 9.14 -5.46 7.85
C THR A 41 10.24 -4.82 6.99
N TRP A 42 10.92 -3.85 7.58
CA TRP A 42 11.96 -3.10 6.91
C TRP A 42 13.20 -3.87 6.45
N ASP A 43 13.79 -4.61 7.37
CA ASP A 43 15.00 -5.36 7.08
C ASP A 43 14.87 -6.22 5.83
N THR A 44 15.86 -6.10 4.96
CA THR A 44 15.92 -6.85 3.70
C THR A 44 16.13 -8.33 4.01
N HIS A 45 16.91 -8.58 5.05
CA HIS A 45 17.20 -9.94 5.46
C HIS A 45 16.16 -10.33 6.48
N GLY A 46 15.90 -11.62 6.61
CA GLY A 46 14.89 -12.10 7.54
C GLY A 46 13.68 -12.58 6.77
N GLY A 47 12.71 -13.16 7.46
CA GLY A 47 11.54 -13.65 6.75
C GLY A 47 11.90 -14.85 5.89
N LYS A 48 10.97 -15.80 5.79
CA LYS A 48 11.17 -17.02 5.02
C LYS A 48 11.25 -16.86 3.50
N GLU A 49 12.04 -17.72 2.86
CA GLU A 49 12.16 -17.68 1.41
C GLU A 49 11.04 -18.55 0.86
N VAL A 50 10.62 -18.29 -0.38
CA VAL A 50 9.53 -19.08 -0.93
C VAL A 50 9.41 -18.97 -2.44
N THR A 51 8.65 -19.90 -3.01
CA THR A 51 8.40 -19.96 -4.45
C THR A 51 6.91 -19.76 -4.71
N VAL A 52 6.59 -19.36 -5.93
CA VAL A 52 5.20 -19.15 -6.29
C VAL A 52 4.43 -20.46 -6.17
N GLU A 53 5.13 -21.58 -6.40
CA GLU A 53 4.50 -22.88 -6.32
C GLU A 53 3.96 -23.05 -4.90
N ASP A 54 4.75 -22.65 -3.93
CA ASP A 54 4.34 -22.74 -2.55
C ASP A 54 3.16 -21.84 -2.27
N LEU A 55 3.25 -20.60 -2.72
CA LEU A 55 2.17 -19.65 -2.49
C LEU A 55 0.82 -20.09 -3.04
N MET A 56 0.81 -20.43 -4.32
CA MET A 56 -0.41 -20.87 -4.95
C MET A 56 -0.93 -22.06 -4.19
N LYS A 57 0.00 -22.90 -3.73
CA LYS A 57 -0.34 -24.10 -2.97
C LYS A 57 -1.08 -23.74 -1.67
N GLU A 58 -1.42 -22.47 -1.52
CA GLU A 58 -2.12 -22.00 -0.34
C GLU A 58 -3.26 -21.09 -0.73
N VAL A 59 -2.97 -20.15 -1.63
CA VAL A 59 -3.97 -19.19 -2.08
C VAL A 59 -5.17 -19.86 -2.74
N VAL A 60 -4.91 -20.92 -3.50
CA VAL A 60 -5.98 -21.62 -4.22
C VAL A 60 -7.01 -22.23 -3.30
N THR A 61 -6.57 -22.77 -2.17
CA THR A 61 -7.49 -23.38 -1.23
C THR A 61 -8.52 -22.40 -0.68
N TYR A 62 -8.32 -21.10 -0.93
CA TYR A 62 -9.25 -20.09 -0.43
C TYR A 62 -10.12 -19.51 -1.53
N ARG A 63 -9.98 -20.06 -2.73
CA ARG A 63 -10.74 -19.60 -3.89
C ARG A 63 -12.15 -19.18 -3.47
N HIS A 64 -12.72 -20.00 -2.60
CA HIS A 64 -14.07 -19.78 -2.06
C HIS A 64 -14.29 -18.37 -1.52
N PHE A 65 -13.58 -18.01 -0.46
CA PHE A 65 -13.73 -16.70 0.16
C PHE A 65 -13.49 -15.57 -0.83
N MET A 66 -12.55 -15.78 -1.75
CA MET A 66 -12.23 -14.75 -2.74
C MET A 66 -13.41 -14.51 -3.67
N ASN A 67 -13.80 -15.55 -4.41
CA ASN A 67 -14.93 -15.43 -5.33
C ASN A 67 -16.13 -14.79 -4.63
N ALA A 68 -16.55 -15.42 -3.54
CA ALA A 68 -17.69 -15.00 -2.75
C ALA A 68 -17.62 -13.57 -2.21
N SER A 69 -16.42 -13.06 -1.98
CA SER A 69 -16.28 -11.71 -1.45
C SER A 69 -15.97 -10.71 -2.55
N GLY A 70 -15.58 -11.23 -3.70
CA GLY A 70 -15.21 -10.34 -4.79
C GLY A 70 -13.82 -9.86 -4.46
N GLY A 71 -13.06 -10.73 -3.81
CA GLY A 71 -11.70 -10.41 -3.43
C GLY A 71 -10.67 -10.98 -4.35
N GLY A 72 -9.55 -11.39 -3.77
CA GLY A 72 -8.46 -11.95 -4.55
C GLY A 72 -7.22 -12.01 -3.69
N VAL A 73 -6.07 -11.72 -4.30
CA VAL A 73 -4.83 -11.72 -3.55
C VAL A 73 -4.29 -10.32 -3.50
N THR A 74 -3.43 -10.07 -2.52
CA THR A 74 -2.80 -8.77 -2.38
C THR A 74 -1.32 -8.90 -1.99
N ALA A 75 -0.49 -8.15 -2.70
CA ALA A 75 0.93 -8.15 -2.42
C ALA A 75 1.16 -6.88 -1.59
N SER A 76 1.69 -7.07 -0.39
CA SER A 76 1.93 -5.95 0.51
C SER A 76 3.13 -6.25 1.41
N GLY A 77 2.99 -5.96 2.71
CA GLY A 77 4.05 -6.22 3.69
C GLY A 77 4.88 -5.00 3.97
N GLY A 78 6.06 -5.00 3.35
CA GLY A 78 6.97 -3.89 3.40
C GLY A 78 6.72 -3.35 2.01
N GLU A 79 7.72 -3.37 1.14
CA GLU A 79 7.52 -2.91 -0.22
C GLU A 79 7.65 -4.03 -1.23
N ALA A 80 6.51 -4.57 -1.65
CA ALA A 80 6.48 -5.67 -2.60
C ALA A 80 7.16 -5.31 -3.90
N ILE A 81 7.04 -4.06 -4.32
CA ILE A 81 7.63 -3.64 -5.57
C ILE A 81 9.15 -3.87 -5.58
N LEU A 82 9.73 -4.23 -4.45
CA LEU A 82 11.17 -4.49 -4.40
C LEU A 82 11.44 -5.91 -4.89
N GLN A 83 10.41 -6.74 -4.86
CA GLN A 83 10.56 -8.09 -5.34
C GLN A 83 9.61 -8.22 -6.53
N ALA A 84 9.69 -7.24 -7.42
CA ALA A 84 8.86 -7.14 -8.62
C ALA A 84 8.89 -8.35 -9.52
N GLU A 85 10.05 -9.00 -9.64
CA GLU A 85 10.16 -10.19 -10.48
C GLU A 85 9.27 -11.25 -9.85
N PHE A 86 9.47 -11.47 -8.54
CA PHE A 86 8.70 -12.49 -7.86
C PHE A 86 7.20 -12.21 -7.84
N VAL A 87 6.83 -10.96 -7.60
CA VAL A 87 5.42 -10.61 -7.54
C VAL A 87 4.72 -10.84 -8.88
N ARG A 88 5.28 -10.30 -9.95
CA ARG A 88 4.67 -10.46 -11.26
C ARG A 88 4.52 -11.93 -11.61
N ASP A 89 5.41 -12.76 -11.08
CA ASP A 89 5.33 -14.18 -11.34
C ASP A 89 4.11 -14.69 -10.59
N TRP A 90 3.94 -14.20 -9.37
CA TRP A 90 2.83 -14.61 -8.55
C TRP A 90 1.51 -14.21 -9.18
N PHE A 91 1.44 -13.01 -9.74
CA PHE A 91 0.20 -12.56 -10.37
C PHE A 91 -0.08 -13.34 -11.66
N ARG A 92 0.97 -13.65 -12.42
CA ARG A 92 0.83 -14.41 -13.65
C ARG A 92 0.17 -15.75 -13.33
N ALA A 93 0.51 -16.28 -12.16
CA ALA A 93 -0.05 -17.54 -11.72
C ALA A 93 -1.49 -17.35 -11.30
N CYS A 94 -1.77 -16.21 -10.68
CA CYS A 94 -3.11 -15.92 -10.21
C CYS A 94 -4.02 -15.60 -11.36
N LYS A 95 -3.49 -14.85 -12.32
CA LYS A 95 -4.25 -14.49 -13.49
C LYS A 95 -4.73 -15.79 -14.12
N LYS A 96 -3.81 -16.74 -14.24
CA LYS A 96 -4.11 -18.02 -14.81
C LYS A 96 -5.01 -18.92 -13.98
N GLU A 97 -5.47 -18.41 -12.84
CA GLU A 97 -6.37 -19.18 -12.01
C GLU A 97 -7.64 -18.39 -11.93
N GLY A 98 -7.75 -17.41 -12.81
CA GLY A 98 -8.92 -16.55 -12.84
C GLY A 98 -8.99 -15.72 -11.57
N ILE A 99 -7.85 -15.58 -10.90
CA ILE A 99 -7.77 -14.81 -9.65
C ILE A 99 -7.40 -13.36 -9.87
N HIS A 100 -8.05 -12.51 -9.09
CA HIS A 100 -7.89 -11.07 -9.15
C HIS A 100 -6.71 -10.65 -8.30
N THR A 101 -5.84 -9.81 -8.88
CA THR A 101 -4.63 -9.35 -8.22
C THR A 101 -4.65 -7.90 -7.77
N CYS A 102 -4.10 -7.67 -6.58
CA CYS A 102 -4.01 -6.33 -6.02
C CYS A 102 -2.62 -6.08 -5.45
N LEU A 103 -2.01 -4.98 -5.87
CA LEU A 103 -0.68 -4.62 -5.42
C LEU A 103 -0.74 -3.42 -4.50
N ASP A 104 -0.40 -3.63 -3.23
CA ASP A 104 -0.41 -2.54 -2.24
C ASP A 104 0.98 -1.95 -2.08
N THR A 105 1.24 -0.83 -2.75
CA THR A 105 2.57 -0.23 -2.75
C THR A 105 2.72 1.25 -2.38
N ASN A 106 3.98 1.66 -2.19
CA ASN A 106 4.33 3.04 -1.89
C ASN A 106 4.86 3.71 -3.18
N GLY A 107 4.95 2.91 -4.23
CA GLY A 107 5.39 3.42 -5.51
C GLY A 107 6.76 4.05 -5.60
N PHE A 108 7.65 3.69 -4.69
CA PHE A 108 8.99 4.25 -4.76
C PHE A 108 9.74 3.40 -5.78
N VAL A 109 9.49 3.67 -7.07
CA VAL A 109 10.15 2.93 -8.16
C VAL A 109 11.38 3.67 -8.66
N ARG A 110 12.54 3.08 -8.44
CA ARG A 110 13.79 3.68 -8.85
C ARG A 110 14.07 3.49 -10.36
N ARG A 111 14.18 2.24 -10.80
CA ARG A 111 14.41 1.97 -12.23
C ARG A 111 13.19 1.36 -12.86
N TYR A 112 12.76 1.94 -13.98
CA TYR A 112 11.60 1.47 -14.72
C TYR A 112 11.98 0.37 -15.69
N ASP A 113 12.32 -0.79 -15.13
CA ASP A 113 12.71 -1.94 -15.92
C ASP A 113 11.52 -2.59 -16.58
N PRO A 114 11.77 -3.54 -17.47
CA PRO A 114 10.69 -4.24 -18.16
C PRO A 114 9.76 -4.95 -17.19
N VAL A 115 10.32 -5.42 -16.08
CA VAL A 115 9.53 -6.12 -15.09
C VAL A 115 8.43 -5.22 -14.49
N ILE A 116 8.65 -3.91 -14.51
CA ILE A 116 7.65 -3.02 -13.96
C ILE A 116 6.39 -3.11 -14.82
N ASP A 117 6.57 -2.92 -16.13
CA ASP A 117 5.45 -3.00 -17.06
C ASP A 117 4.85 -4.39 -17.02
N GLU A 118 5.71 -5.40 -16.91
CA GLU A 118 5.24 -6.78 -16.85
C GLU A 118 4.39 -7.04 -15.62
N LEU A 119 4.73 -6.39 -14.50
CA LEU A 119 3.97 -6.56 -13.27
C LEU A 119 2.62 -5.89 -13.44
N LEU A 120 2.65 -4.62 -13.85
CA LEU A 120 1.44 -3.85 -14.06
C LEU A 120 0.54 -4.55 -15.08
N GLU A 121 1.15 -5.19 -16.06
CA GLU A 121 0.37 -5.90 -17.08
C GLU A 121 -0.49 -6.97 -16.44
N VAL A 122 0.04 -7.63 -15.42
CA VAL A 122 -0.69 -8.69 -14.75
C VAL A 122 -1.35 -8.24 -13.43
N THR A 123 -1.41 -6.93 -13.21
CA THR A 123 -2.02 -6.38 -11.99
C THR A 123 -3.41 -5.80 -12.26
N ASP A 124 -4.40 -6.21 -11.48
CA ASP A 124 -5.75 -5.71 -11.67
C ASP A 124 -6.01 -4.40 -10.96
N LEU A 125 -5.42 -4.22 -9.80
CA LEU A 125 -5.62 -2.98 -9.05
C LEU A 125 -4.42 -2.65 -8.18
N VAL A 126 -4.07 -1.38 -8.13
CA VAL A 126 -2.94 -0.96 -7.31
C VAL A 126 -3.38 0.09 -6.31
N MET A 127 -3.20 -0.25 -5.03
CA MET A 127 -3.53 0.69 -3.99
C MET A 127 -2.23 1.43 -3.75
N LEU A 128 -2.12 2.58 -4.41
CA LEU A 128 -0.95 3.42 -4.33
C LEU A 128 -1.10 4.38 -3.18
N ASP A 129 -0.08 4.42 -2.34
CA ASP A 129 -0.06 5.31 -1.20
C ASP A 129 0.59 6.61 -1.58
N LEU A 130 -0.06 7.70 -1.20
CA LEU A 130 0.51 9.03 -1.42
C LEU A 130 0.52 9.49 0.00
N LYS A 131 1.71 9.53 0.59
CA LYS A 131 1.85 9.88 1.98
C LYS A 131 1.89 11.37 2.31
N GLN A 132 2.29 12.19 1.35
CA GLN A 132 2.37 13.63 1.58
C GLN A 132 2.86 14.38 0.35
N MET A 133 1.97 15.16 -0.23
CA MET A 133 2.28 15.94 -1.41
C MET A 133 3.36 16.97 -1.11
N ASN A 134 3.32 17.54 0.09
CA ASN A 134 4.33 18.52 0.47
C ASN A 134 5.60 17.75 0.78
N ASP A 135 6.60 17.86 -0.09
CA ASP A 135 7.84 17.14 0.09
C ASP A 135 8.63 17.56 1.31
N GLU A 136 8.50 18.81 1.71
CA GLU A 136 9.22 19.28 2.89
C GLU A 136 8.83 18.38 4.06
N ILE A 137 7.53 18.12 4.18
CA ILE A 137 7.01 17.27 5.25
C ILE A 137 7.32 15.82 4.95
N HIS A 138 7.02 15.43 3.71
CA HIS A 138 7.25 14.07 3.29
C HIS A 138 8.64 13.53 3.66
N GLN A 139 9.66 14.32 3.36
CA GLN A 139 11.02 13.90 3.66
C GLN A 139 11.25 13.60 5.12
N ASN A 140 10.44 14.19 5.98
CA ASN A 140 10.60 13.94 7.41
C ASN A 140 9.66 12.89 7.93
N LEU A 141 8.50 12.82 7.30
CA LEU A 141 7.52 11.86 7.68
C LEU A 141 7.95 10.46 7.24
N VAL A 142 8.41 10.39 6.00
CA VAL A 142 8.82 9.13 5.39
C VAL A 142 10.32 8.90 5.32
N GLY A 143 11.11 9.97 5.34
CA GLY A 143 12.55 9.80 5.26
C GLY A 143 13.12 9.91 3.86
N VAL A 144 12.27 10.18 2.87
CA VAL A 144 12.70 10.34 1.48
C VAL A 144 11.78 11.31 0.74
N SER A 145 12.27 11.87 -0.36
CA SER A 145 11.47 12.78 -1.15
C SER A 145 10.30 11.97 -1.72
N ASN A 146 9.24 12.67 -2.15
CA ASN A 146 8.07 12.01 -2.74
C ASN A 146 8.05 12.04 -4.28
N HIS A 147 9.15 12.48 -4.87
CA HIS A 147 9.22 12.56 -6.32
C HIS A 147 9.06 11.21 -7.03
N ARG A 148 9.84 10.21 -6.62
CA ARG A 148 9.75 8.89 -7.28
C ARG A 148 8.36 8.30 -7.24
N THR A 149 7.65 8.53 -6.14
CA THR A 149 6.29 8.02 -5.97
C THR A 149 5.31 8.74 -6.90
N LEU A 150 5.40 10.07 -6.94
CA LEU A 150 4.55 10.87 -7.81
C LEU A 150 4.81 10.54 -9.27
N GLU A 151 6.07 10.21 -9.60
CA GLU A 151 6.41 9.84 -10.96
C GLU A 151 5.72 8.51 -11.26
N PHE A 152 5.76 7.61 -10.29
CA PHE A 152 5.12 6.31 -10.49
C PHE A 152 3.61 6.49 -10.70
N ALA A 153 3.06 7.50 -10.02
CA ALA A 153 1.63 7.80 -10.12
C ALA A 153 1.30 8.29 -11.53
N LYS A 154 2.14 9.21 -12.02
CA LYS A 154 1.96 9.74 -13.36
C LYS A 154 2.01 8.53 -14.28
N TYR A 155 3.08 7.74 -14.14
CA TYR A 155 3.27 6.54 -14.95
C TYR A 155 2.01 5.69 -15.02
N LEU A 156 1.44 5.42 -13.85
CA LEU A 156 0.24 4.62 -13.78
C LEU A 156 -0.91 5.25 -14.55
N ALA A 157 -1.23 6.50 -14.20
CA ALA A 157 -2.31 7.21 -14.87
C ALA A 157 -2.05 7.14 -16.36
N ASN A 158 -0.81 7.44 -16.72
CA ASN A 158 -0.38 7.43 -18.10
C ASN A 158 -0.57 6.09 -18.80
N LYS A 159 -1.00 5.07 -18.06
CA LYS A 159 -1.22 3.74 -18.64
C LYS A 159 -2.58 3.20 -18.26
N ASN A 160 -3.43 4.08 -17.76
CA ASN A 160 -4.78 3.71 -17.35
C ASN A 160 -4.78 2.45 -16.47
N VAL A 161 -4.24 2.59 -15.26
CA VAL A 161 -4.19 1.47 -14.31
C VAL A 161 -5.22 1.70 -13.20
N LYS A 162 -6.08 0.72 -12.97
CA LYS A 162 -7.11 0.83 -11.94
C LYS A 162 -6.44 1.16 -10.62
N VAL A 163 -6.55 2.41 -10.19
CA VAL A 163 -5.89 2.84 -8.97
C VAL A 163 -6.76 3.30 -7.84
N TRP A 164 -6.25 3.08 -6.64
CA TRP A 164 -6.88 3.50 -5.41
C TRP A 164 -5.78 4.26 -4.72
N ILE A 165 -6.04 5.51 -4.40
CA ILE A 165 -5.06 6.29 -3.70
C ILE A 165 -5.35 6.11 -2.23
N ARG A 166 -4.32 5.79 -1.45
CA ARG A 166 -4.51 5.65 -0.02
C ARG A 166 -3.77 6.79 0.65
N TYR A 167 -4.48 7.51 1.51
CA TYR A 167 -3.88 8.63 2.21
C TYR A 167 -4.06 8.45 3.71
N VAL A 168 -3.00 8.04 4.40
CA VAL A 168 -3.07 7.85 5.83
C VAL A 168 -3.04 9.21 6.51
N VAL A 169 -4.13 9.52 7.22
CA VAL A 169 -4.22 10.80 7.91
C VAL A 169 -3.67 10.74 9.33
N VAL A 170 -2.51 11.35 9.50
CA VAL A 170 -1.88 11.39 10.81
C VAL A 170 -1.89 12.83 11.31
N PRO A 171 -2.23 13.01 12.59
CA PRO A 171 -2.31 14.30 13.29
C PRO A 171 -1.10 15.20 13.19
N GLY A 172 -1.27 16.34 12.54
CA GLY A 172 -0.20 17.30 12.43
C GLY A 172 0.72 17.08 11.26
N TRP A 173 0.58 15.96 10.58
CA TRP A 173 1.46 15.70 9.45
C TRP A 173 0.74 15.69 8.13
N SER A 174 -0.46 15.14 8.12
CA SER A 174 -1.22 15.04 6.88
C SER A 174 -2.68 15.43 7.05
N ASP A 175 -2.99 15.96 8.22
CA ASP A 175 -4.35 16.37 8.56
C ASP A 175 -4.70 17.80 8.12
N ASP A 176 -3.68 18.61 7.85
CA ASP A 176 -3.87 20.00 7.42
C ASP A 176 -4.57 20.05 6.06
N ASP A 177 -5.26 21.16 5.80
CA ASP A 177 -6.02 21.34 4.57
C ASP A 177 -5.23 21.62 3.30
N ASP A 178 -4.06 22.22 3.42
CA ASP A 178 -3.25 22.49 2.25
C ASP A 178 -2.98 21.16 1.57
N SER A 179 -2.30 20.28 2.29
CA SER A 179 -1.94 18.96 1.84
C SER A 179 -3.11 18.19 1.22
N ALA A 180 -4.30 18.41 1.76
CA ALA A 180 -5.51 17.74 1.28
C ALA A 180 -5.87 18.22 -0.12
N HIS A 181 -5.67 19.49 -0.37
CA HIS A 181 -5.98 20.06 -1.68
C HIS A 181 -4.98 19.57 -2.72
N ARG A 182 -3.70 19.64 -2.35
CA ARG A 182 -2.61 19.20 -3.21
C ARG A 182 -2.92 17.81 -3.74
N LEU A 183 -3.27 16.91 -2.84
CA LEU A 183 -3.60 15.54 -3.22
C LEU A 183 -4.79 15.63 -4.18
N GLY A 184 -5.87 16.23 -3.69
CA GLY A 184 -7.07 16.38 -4.48
C GLY A 184 -6.78 16.92 -5.86
N GLU A 185 -5.89 17.91 -5.93
CA GLU A 185 -5.52 18.52 -7.20
C GLU A 185 -4.74 17.50 -8.01
N PHE A 186 -3.63 17.02 -7.45
CA PHE A 186 -2.77 16.06 -8.12
C PHE A 186 -3.51 14.88 -8.75
N THR A 187 -4.25 14.14 -7.93
CA THR A 187 -4.98 12.98 -8.43
C THR A 187 -6.17 13.32 -9.33
N ARG A 188 -6.60 14.57 -9.32
CA ARG A 188 -7.73 14.99 -10.15
C ARG A 188 -7.39 14.82 -11.61
N ASP A 189 -6.22 15.33 -12.00
CA ASP A 189 -5.76 15.24 -13.37
C ASP A 189 -6.07 13.84 -13.89
N MET A 190 -5.48 12.86 -13.23
CA MET A 190 -5.64 11.45 -13.58
C MET A 190 -7.04 10.89 -13.29
N GLY A 191 -7.61 10.22 -14.28
CA GLY A 191 -8.93 9.63 -14.13
C GLY A 191 -8.97 8.13 -13.96
N ASN A 192 -7.81 7.53 -13.74
CA ASN A 192 -7.72 6.08 -13.56
C ASN A 192 -7.84 5.76 -12.08
N VAL A 193 -7.71 6.81 -11.25
CA VAL A 193 -7.83 6.66 -9.81
C VAL A 193 -9.30 6.51 -9.40
N GLU A 194 -9.73 5.26 -9.33
CA GLU A 194 -11.10 4.93 -8.98
C GLU A 194 -11.62 5.65 -7.74
N LYS A 195 -10.83 5.65 -6.66
CA LYS A 195 -11.27 6.32 -5.44
C LYS A 195 -10.13 6.65 -4.50
N ILE A 196 -10.42 7.38 -3.45
CA ILE A 196 -9.42 7.76 -2.48
C ILE A 196 -9.82 7.29 -1.10
N GLU A 197 -9.19 6.22 -0.65
CA GLU A 197 -9.46 5.62 0.64
C GLU A 197 -8.60 6.25 1.72
N LEU A 198 -9.23 6.97 2.65
CA LEU A 198 -8.48 7.60 3.72
C LEU A 198 -8.28 6.62 4.88
N LEU A 199 -7.10 6.66 5.49
CA LEU A 199 -6.81 5.76 6.60
C LEU A 199 -6.38 6.53 7.82
N PRO A 200 -7.13 6.39 8.92
CA PRO A 200 -6.83 7.06 10.19
C PRO A 200 -5.60 6.44 10.82
N TYR A 201 -4.70 7.27 11.32
CA TYR A 201 -3.53 6.73 11.95
C TYR A 201 -3.95 5.99 13.20
N HIS A 202 -3.22 4.92 13.53
CA HIS A 202 -3.50 4.12 14.71
C HIS A 202 -2.21 3.73 15.38
N GLU A 203 -2.17 3.76 16.70
CA GLU A 203 -0.95 3.35 17.38
C GLU A 203 -1.05 1.84 17.38
N LEU A 204 -0.08 1.21 16.75
CA LEU A 204 -0.06 -0.24 16.66
C LEU A 204 1.16 -0.63 15.85
N GLY A 205 1.90 -1.59 16.37
CA GLY A 205 3.11 -2.04 15.70
C GLY A 205 4.25 -1.27 16.31
N LYS A 206 3.96 -0.61 17.44
CA LYS A 206 4.93 0.18 18.18
C LYS A 206 5.89 -0.78 18.85
N HIS A 207 5.34 -1.81 19.49
CA HIS A 207 6.13 -2.82 20.16
C HIS A 207 7.16 -3.39 19.19
N LYS A 208 6.86 -3.30 17.89
CA LYS A 208 7.80 -3.79 16.89
C LYS A 208 9.04 -2.91 16.92
N TRP A 209 8.84 -1.63 17.23
CA TRP A 209 9.94 -0.69 17.33
C TRP A 209 10.62 -0.95 18.66
N VAL A 210 9.83 -0.97 19.71
CA VAL A 210 10.33 -1.23 21.06
C VAL A 210 11.15 -2.51 21.02
N ALA A 211 10.53 -3.60 20.60
CA ALA A 211 11.20 -4.88 20.50
C ALA A 211 12.53 -4.70 19.81
N MET A 212 12.62 -3.70 18.94
CA MET A 212 13.84 -3.43 18.21
C MET A 212 14.60 -2.24 18.79
N GLY A 213 14.45 -2.03 20.09
CA GLY A 213 15.13 -0.92 20.75
C GLY A 213 15.10 0.42 20.04
N GLU A 214 14.15 0.60 19.13
CA GLU A 214 14.05 1.86 18.41
C GLU A 214 12.90 2.68 18.97
N GLU A 215 13.07 4.00 19.02
CA GLU A 215 12.04 4.85 19.60
C GLU A 215 10.90 5.17 18.64
N TYR A 216 9.68 4.91 19.09
CA TYR A 216 8.50 5.20 18.30
C TYR A 216 8.15 6.66 18.56
N LYS A 217 8.49 7.54 17.63
CA LYS A 217 8.22 8.97 17.76
C LYS A 217 6.73 9.31 17.98
N LEU A 218 5.86 8.82 17.11
CA LEU A 218 4.43 9.10 17.22
C LEU A 218 3.81 8.70 18.55
N ASP A 219 4.63 8.20 19.46
CA ASP A 219 4.13 7.80 20.78
C ASP A 219 3.34 8.97 21.34
N GLY A 220 2.13 8.72 21.80
CA GLY A 220 1.34 9.79 22.34
C GLY A 220 0.32 10.24 21.32
N VAL A 221 0.75 10.45 20.09
CA VAL A 221 -0.17 10.87 19.05
C VAL A 221 -1.37 9.93 19.06
N LYS A 222 -2.56 10.51 19.20
CA LYS A 222 -3.78 9.75 19.21
C LYS A 222 -4.40 9.80 17.82
N PRO A 223 -5.26 8.82 17.50
CA PRO A 223 -5.89 8.80 16.18
C PRO A 223 -6.69 10.08 15.90
N PRO A 224 -6.77 10.51 14.64
CA PRO A 224 -7.51 11.72 14.30
C PRO A 224 -9.01 11.61 14.61
N LYS A 225 -9.70 12.75 14.67
CA LYS A 225 -11.13 12.78 14.97
C LYS A 225 -12.00 12.73 13.74
N LYS A 226 -13.16 12.10 13.87
CA LYS A 226 -14.11 11.97 12.76
C LYS A 226 -14.28 13.34 12.12
N GLU A 227 -14.15 14.38 12.93
CA GLU A 227 -14.28 15.74 12.45
C GLU A 227 -13.19 15.98 11.41
N THR A 228 -11.96 15.71 11.80
CA THR A 228 -10.80 15.90 10.90
C THR A 228 -10.97 15.11 9.61
N MET A 229 -11.09 13.80 9.75
CA MET A 229 -11.25 12.92 8.59
C MET A 229 -12.36 13.46 7.72
N GLU A 230 -13.43 13.90 8.38
CA GLU A 230 -14.58 14.44 7.71
C GLU A 230 -14.14 15.63 6.86
N ARG A 231 -13.44 16.55 7.50
CA ARG A 231 -12.93 17.75 6.83
C ARG A 231 -12.13 17.42 5.57
N VAL A 232 -11.08 16.62 5.74
CA VAL A 232 -10.23 16.21 4.63
C VAL A 232 -11.08 15.62 3.51
N LYS A 233 -11.97 14.70 3.88
CA LYS A 233 -12.85 14.04 2.92
C LYS A 233 -13.53 15.03 1.97
N GLY A 234 -14.14 16.07 2.56
CA GLY A 234 -14.82 17.07 1.76
C GLY A 234 -13.86 17.79 0.86
N ILE A 235 -12.74 18.25 1.43
CA ILE A 235 -11.72 18.94 0.65
C ILE A 235 -11.38 18.16 -0.61
N LEU A 236 -11.31 16.83 -0.51
CA LEU A 236 -11.00 15.99 -1.64
C LEU A 236 -12.20 15.63 -2.50
N GLU A 237 -13.39 15.64 -1.91
CA GLU A 237 -14.58 15.32 -2.68
C GLU A 237 -14.90 16.47 -3.61
N GLN A 238 -14.20 17.59 -3.41
CA GLN A 238 -14.37 18.79 -4.22
C GLN A 238 -13.80 18.61 -5.61
N TYR A 239 -12.74 17.82 -5.70
CA TYR A 239 -12.10 17.57 -6.97
C TYR A 239 -12.80 16.43 -7.67
N GLY A 240 -13.90 15.98 -7.07
CA GLY A 240 -14.71 14.93 -7.65
C GLY A 240 -14.26 13.49 -7.55
N HIS A 241 -13.71 13.09 -6.42
CA HIS A 241 -13.27 11.71 -6.25
C HIS A 241 -14.22 11.01 -5.31
N LYS A 242 -14.28 9.67 -5.38
CA LYS A 242 -15.15 8.90 -4.51
C LYS A 242 -14.52 8.77 -3.14
N VAL A 243 -13.84 9.82 -2.69
CA VAL A 243 -13.20 9.85 -1.38
C VAL A 243 -13.97 9.12 -0.29
N MET A 244 -13.73 7.83 -0.14
CA MET A 244 -14.41 7.03 0.86
C MET A 244 -13.45 6.56 1.94
N PHE A 245 -13.60 7.07 3.16
CA PHE A 245 -12.72 6.65 4.25
C PHE A 245 -13.44 5.66 5.16
N VAL B 1 -7.15 -1.59 10.76
CA VAL B 1 -6.41 -2.87 10.70
C VAL B 1 -5.84 -3.08 9.28
N SER B 2 -5.91 -2.03 8.47
CA SER B 2 -5.42 -2.07 7.09
C SER B 2 -3.91 -2.17 6.94
N GLY B 3 -3.46 -3.29 6.39
CA GLY B 3 -2.05 -3.50 6.16
C GLY B 3 -1.26 -3.91 7.38
N TYR B 4 -1.95 -4.38 8.43
CA TYR B 4 -1.22 -4.79 9.63
C TYR B 4 -0.84 -6.26 9.60
N ALA B 5 0.46 -6.50 9.49
CA ALA B 5 1.00 -7.85 9.47
C ALA B 5 1.28 -8.23 10.92
N VAL B 6 0.72 -9.34 11.36
CA VAL B 6 0.97 -9.77 12.73
C VAL B 6 2.26 -10.55 12.84
#